data_3RZJ
#
_entry.id   3RZJ
#
_cell.length_a   77.779
_cell.length_b   77.779
_cell.length_c   229.016
_cell.angle_alpha   90.00
_cell.angle_beta   90.00
_cell.angle_gamma   120.00
#
_symmetry.space_group_name_H-M   'P 65 2 2'
#
loop_
_entity.id
_entity.type
_entity.pdbx_description
1 polymer 'Alpha-ketoglutarate-dependent dioxygenase alkB homolog 2'
2 polymer "5'-D(*CP*TP*GP*TP*CP*TP*(ME6)P*AP*CP*TP*GP*CP*G)-3'"
3 polymer "5'-D(*TP*CP*GP*CP*AP*GP*TP*GP*AP*GP*AP*CP*A)-3'"
4 non-polymer 'MANGANESE (II) ION'
5 non-polymer '2-OXOGLUTARIC ACID'
6 non-polymer propane-1-thiol
7 water water
#
loop_
_entity_poly.entity_id
_entity_poly.type
_entity_poly.pdbx_seq_one_letter_code
_entity_poly.pdbx_strand_id
1 'polypeptide(L)'
;GSHSWRHIRAEGLDSSYTVLFGKAEADEIFQELEKEVEYFTGALARVQVFGKWHSVPRKQATYGDAGLTYTFSGLTLSPK
PWIPVLERIRDHVSGVTGQTFNFVLINRYKDGSDHICEHRDDERELAPGSPIASVSFGASRDFVFRHKDSRGKSPSRRVA
VVRLPLAHGSLLMMNHPTNTHWYHSLPVRKKVLAPRVNLTFRKILLTKK
;
A
2 'polydeoxyribonucleotide' (DC)(DT)(DG)(DT)(DC)(DT)(ME6)(DA)(DC)(DT)(DG)(DC)(DG) B
3 'polydeoxyribonucleotide' (DT)(DC)(DG)(DC)(DA)(DG)(DT)(DG)(DA)(DG)(DA)(DC)(DA) C
#
# COMPACT_ATOMS: atom_id res chain seq x y z
N GLY A 1 -12.06 14.89 -12.40
CA GLY A 1 -12.32 13.76 -11.52
C GLY A 1 -13.49 12.93 -11.98
N SER A 2 -14.68 13.29 -11.52
CA SER A 2 -15.89 12.55 -11.88
C SER A 2 -15.65 11.05 -11.87
N HIS A 3 -15.62 10.47 -10.69
CA HIS A 3 -15.39 9.03 -10.55
C HIS A 3 -16.30 8.43 -9.49
N SER A 4 -16.67 7.17 -9.68
CA SER A 4 -17.55 6.47 -8.72
C SER A 4 -16.76 5.99 -7.51
N TRP A 5 -16.75 6.79 -6.46
CA TRP A 5 -16.03 6.46 -5.23
C TRP A 5 -16.96 5.79 -4.22
N ARG A 6 -16.41 4.84 -3.46
CA ARG A 6 -17.06 4.38 -2.23
C ARG A 6 -16.29 5.00 -1.06
N HIS A 7 -16.98 5.83 -0.28
CA HIS A 7 -16.33 6.49 0.84
C HIS A 7 -16.37 5.65 2.11
N ILE A 8 -15.19 5.42 2.66
CA ILE A 8 -15.03 4.70 3.91
C ILE A 8 -14.86 5.76 4.99
N ARG A 9 -15.86 5.90 5.86
CA ARG A 9 -15.81 6.92 6.91
C ARG A 9 -16.17 6.44 8.30
N ALA A 10 -15.36 6.87 9.26
CA ALA A 10 -15.59 6.70 10.70
C ALA A 10 -14.78 7.80 11.38
N GLU A 11 -14.79 7.83 12.72
CA GLU A 11 -14.05 8.86 13.45
C GLU A 11 -12.56 8.80 13.14
N GLY A 12 -12.07 9.84 12.47
CA GLY A 12 -10.67 9.91 12.02
C GLY A 12 -10.36 9.08 10.79
N LEU A 13 -11.40 8.56 10.14
CA LEU A 13 -11.25 7.71 8.96
C LEU A 13 -11.82 8.39 7.72
N ASP A 14 -10.95 8.69 6.76
CA ASP A 14 -11.35 9.25 5.47
C ASP A 14 -10.63 8.50 4.35
N SER A 15 -11.30 7.47 3.82
CA SER A 15 -10.76 6.69 2.70
C SER A 15 -11.75 6.57 1.57
N SER A 16 -11.23 6.37 0.36
CA SER A 16 -12.05 6.28 -0.84
C SER A 16 -11.62 5.10 -1.70
N TYR A 17 -12.60 4.42 -2.29
CA TYR A 17 -12.34 3.21 -3.07
C TYR A 17 -13.03 3.23 -4.43
N THR A 18 -12.26 2.97 -5.47
CA THR A 18 -12.77 2.87 -6.83
C THR A 18 -11.97 1.85 -7.64
N VAL A 19 -12.59 1.34 -8.71
CA VAL A 19 -11.91 0.41 -9.60
C VAL A 19 -11.43 1.19 -10.82
N LEU A 20 -10.11 1.28 -10.98
CA LEU A 20 -9.52 2.06 -12.07
C LEU A 20 -9.48 1.32 -13.39
N PHE A 21 -9.19 0.03 -13.34
CA PHE A 21 -8.95 -0.77 -14.53
C PHE A 21 -9.87 -1.97 -14.60
N GLY A 22 -10.37 -2.26 -15.79
CA GLY A 22 -11.11 -3.50 -16.05
C GLY A 22 -10.16 -4.68 -16.11
N LYS A 23 -10.70 -5.87 -16.27
CA LYS A 23 -9.93 -7.11 -16.16
C LYS A 23 -8.78 -7.22 -17.18
N ALA A 24 -9.08 -7.00 -18.46
CA ALA A 24 -8.06 -7.13 -19.51
C ALA A 24 -6.85 -6.23 -19.26
N GLU A 25 -7.11 -4.94 -18.97
CA GLU A 25 -6.03 -3.99 -18.72
C GLU A 25 -5.25 -4.32 -17.43
N ALA A 26 -5.99 -4.60 -16.36
CA ALA A 26 -5.38 -4.95 -15.08
C ALA A 26 -4.50 -6.20 -15.19
N ASP A 27 -4.96 -7.21 -15.95
CA ASP A 27 -4.17 -8.42 -16.22
C ASP A 27 -2.86 -8.07 -16.90
N GLU A 28 -2.96 -7.20 -17.91
CA GLU A 28 -1.84 -6.71 -18.68
C GLU A 28 -0.83 -5.96 -17.81
N ILE A 29 -1.33 -5.08 -16.95
CA ILE A 29 -0.47 -4.32 -16.03
C ILE A 29 0.20 -5.24 -15.00
N PHE A 30 -0.57 -6.19 -14.47
CA PHE A 30 -0.08 -7.18 -13.52
C PHE A 30 1.06 -8.02 -14.11
N GLN A 31 0.87 -8.49 -15.35
CA GLN A 31 1.86 -9.30 -16.05
C GLN A 31 3.15 -8.52 -16.33
N GLU A 32 2.99 -7.22 -16.57
CA GLU A 32 4.14 -6.34 -16.75
C GLU A 32 4.88 -6.14 -15.43
N LEU A 33 4.13 -5.89 -14.36
CA LEU A 33 4.70 -5.77 -13.02
C LEU A 33 5.47 -7.02 -12.63
N GLU A 34 4.90 -8.19 -12.94
CA GLU A 34 5.54 -9.46 -12.65
C GLU A 34 6.84 -9.63 -13.44
N LYS A 35 6.89 -9.02 -14.62
CA LYS A 35 8.07 -9.13 -15.48
C LYS A 35 9.15 -8.11 -15.10
N GLU A 36 8.72 -6.93 -14.65
CA GLU A 36 9.63 -5.78 -14.57
C GLU A 36 10.12 -5.38 -13.18
N VAL A 37 9.31 -5.64 -12.16
CA VAL A 37 9.64 -5.21 -10.79
C VAL A 37 10.74 -6.07 -10.16
N GLU A 38 11.74 -5.41 -9.58
CA GLU A 38 12.84 -6.10 -8.87
C GLU A 38 12.70 -5.89 -7.37
N TYR A 39 12.64 -7.00 -6.64
CA TYR A 39 12.40 -6.96 -5.20
C TYR A 39 13.68 -7.08 -4.39
N PHE A 40 13.71 -6.37 -3.26
CA PHE A 40 14.82 -6.44 -2.31
C PHE A 40 14.94 -7.86 -1.75
N THR A 41 16.16 -8.26 -1.43
CA THR A 41 16.44 -9.55 -0.78
C THR A 41 17.41 -9.36 0.38
N GLY A 42 17.72 -10.45 1.08
CA GLY A 42 18.75 -10.45 2.10
C GLY A 42 18.54 -9.41 3.19
N ALA A 43 19.55 -8.58 3.40
CA ALA A 43 19.55 -7.56 4.45
C ALA A 43 18.48 -6.48 4.27
N LEU A 44 18.09 -6.23 3.02
CA LEU A 44 17.08 -5.22 2.72
C LEU A 44 15.65 -5.78 2.79
N ALA A 45 15.52 -6.98 3.36
CA ALA A 45 14.22 -7.63 3.52
C ALA A 45 13.96 -8.03 4.98
N ARG A 46 14.73 -7.47 5.90
CA ARG A 46 14.60 -7.79 7.32
C ARG A 46 14.21 -6.56 8.13
N VAL A 47 13.15 -6.69 8.93
CA VAL A 47 12.68 -5.61 9.79
C VAL A 47 12.82 -6.00 11.25
N GLN A 48 12.83 -4.98 12.12
CA GLN A 48 12.90 -5.18 13.57
C GLN A 48 11.61 -4.68 14.21
N VAL A 49 10.94 -5.58 14.92
CA VAL A 49 9.70 -5.25 15.62
C VAL A 49 9.71 -5.93 16.98
N PHE A 50 9.33 -5.18 18.02
CA PHE A 50 9.34 -5.68 19.41
C PHE A 50 10.67 -6.31 19.82
N GLY A 51 11.76 -5.77 19.27
CA GLY A 51 13.11 -6.18 19.65
C GLY A 51 13.64 -7.40 18.91
N LYS A 52 12.85 -7.91 17.97
CA LYS A 52 13.22 -9.08 17.19
C LYS A 52 13.30 -8.74 15.71
N TRP A 53 14.26 -9.34 15.02
CA TRP A 53 14.42 -9.17 13.59
C TRP A 53 13.73 -10.30 12.82
N HIS A 54 13.05 -9.94 11.73
CA HIS A 54 12.31 -10.91 10.93
C HIS A 54 12.51 -10.66 9.45
N SER A 55 12.54 -11.73 8.67
CA SER A 55 12.37 -11.62 7.23
C SER A 55 10.91 -11.27 7.01
N VAL A 56 10.64 -10.35 6.08
CA VAL A 56 9.26 -9.94 5.83
C VAL A 56 8.48 -11.06 5.16
N PRO A 57 7.23 -11.30 5.60
CA PRO A 57 6.44 -12.39 5.01
C PRO A 57 5.75 -11.97 3.70
N ARG A 58 6.59 -11.60 2.72
CA ARG A 58 6.16 -11.06 1.43
C ARG A 58 7.43 -10.54 0.74
N LYS A 59 7.29 -9.85 -0.39
CA LYS A 59 8.42 -9.18 -1.02
C LYS A 59 8.16 -7.69 -1.18
N GLN A 60 9.19 -6.88 -1.02
CA GLN A 60 9.07 -5.43 -1.07
C GLN A 60 10.02 -4.82 -2.09
N ALA A 61 9.61 -3.71 -2.68
CA ALA A 61 10.45 -2.94 -3.59
C ALA A 61 10.08 -1.47 -3.45
N THR A 62 11.03 -0.58 -3.75
CA THR A 62 10.77 0.86 -3.74
C THR A 62 11.29 1.56 -4.99
N TYR A 63 10.49 2.47 -5.51
CA TYR A 63 10.87 3.28 -6.66
C TYR A 63 10.49 4.73 -6.37
N GLY A 64 11.17 5.68 -7.01
CA GLY A 64 10.89 7.09 -6.79
C GLY A 64 12.03 8.01 -7.19
N ASP A 65 11.85 9.31 -6.95
CA ASP A 65 12.84 10.32 -7.29
C ASP A 65 14.17 10.10 -6.57
N ALA A 66 15.26 10.50 -7.23
CA ALA A 66 16.61 10.38 -6.67
C ALA A 66 16.77 11.24 -5.43
N GLY A 67 17.46 10.69 -4.43
CA GLY A 67 17.76 11.42 -3.18
C GLY A 67 16.83 11.11 -2.01
N LEU A 68 15.62 10.64 -2.31
CA LEU A 68 14.65 10.27 -1.29
C LEU A 68 15.05 8.97 -0.61
N THR A 69 14.57 8.77 0.61
CA THR A 69 14.71 7.50 1.34
C THR A 69 13.43 7.26 2.13
N TYR A 70 13.19 6.00 2.48
CA TYR A 70 12.04 5.64 3.31
C TYR A 70 12.44 4.61 4.36
N THR A 71 12.21 4.94 5.62
CA THR A 71 12.63 4.12 6.75
C THR A 71 11.44 3.73 7.63
N PHE A 72 11.29 2.42 7.87
CA PHE A 72 10.34 1.91 8.84
C PHE A 72 10.85 0.60 9.44
N SER A 73 10.57 0.40 10.72
CA SER A 73 10.89 -0.86 11.41
C SER A 73 12.37 -1.24 11.30
N GLY A 74 13.25 -0.26 11.46
CA GLY A 74 14.69 -0.47 11.42
C GLY A 74 15.24 -0.74 10.02
N LEU A 75 14.39 -0.59 9.01
CA LEU A 75 14.79 -0.83 7.63
C LEU A 75 14.75 0.46 6.81
N THR A 76 15.87 0.78 6.16
CA THR A 76 15.95 1.94 5.28
C THR A 76 16.01 1.48 3.82
N LEU A 77 15.05 1.91 3.03
CA LEU A 77 14.96 1.54 1.61
C LEU A 77 15.23 2.73 0.69
N SER A 78 16.04 2.51 -0.33
CA SER A 78 16.37 3.53 -1.31
C SER A 78 15.63 3.26 -2.62
N PRO A 79 15.11 4.31 -3.26
CA PRO A 79 14.31 4.13 -4.47
C PRO A 79 15.16 3.75 -5.68
N LYS A 80 14.67 2.80 -6.47
CA LYS A 80 15.19 2.56 -7.80
C LYS A 80 14.55 3.57 -8.74
N PRO A 81 15.26 3.96 -9.82
CA PRO A 81 14.69 4.89 -10.81
C PRO A 81 13.39 4.37 -11.44
N TRP A 82 12.45 5.27 -11.68
CA TRP A 82 11.13 4.95 -12.26
C TRP A 82 11.24 4.10 -13.52
N ILE A 83 10.28 3.21 -13.72
CA ILE A 83 10.17 2.43 -14.95
C ILE A 83 8.79 2.64 -15.60
N PRO A 84 8.71 2.55 -16.94
CA PRO A 84 7.48 2.87 -17.67
C PRO A 84 6.16 2.45 -17.00
N VAL A 85 6.04 1.19 -16.57
CA VAL A 85 4.79 0.68 -16.01
C VAL A 85 4.38 1.40 -14.72
N LEU A 86 5.34 1.79 -13.91
CA LEU A 86 5.06 2.51 -12.67
C LEU A 86 4.69 3.98 -12.90
N GLU A 87 5.27 4.57 -13.94
CA GLU A 87 4.96 5.96 -14.31
C GLU A 87 3.56 6.07 -14.91
N ARG A 88 3.18 5.06 -15.69
CA ARG A 88 1.82 4.96 -16.23
C ARG A 88 0.78 4.96 -15.10
N ILE A 89 1.04 4.18 -14.04
CA ILE A 89 0.11 4.05 -12.92
C ILE A 89 0.09 5.31 -12.06
N ARG A 90 1.27 5.86 -11.76
CA ARG A 90 1.39 7.12 -11.03
C ARG A 90 0.62 8.25 -11.71
N ASP A 91 0.88 8.42 -13.01
CA ASP A 91 0.24 9.47 -13.81
C ASP A 91 -1.26 9.31 -13.90
N HIS A 92 -1.72 8.06 -14.04
CA HIS A 92 -3.15 7.80 -14.08
C HIS A 92 -3.82 8.16 -12.75
N VAL A 93 -3.21 7.73 -11.65
CA VAL A 93 -3.71 8.03 -10.31
C VAL A 93 -3.73 9.55 -10.07
N SER A 94 -2.65 10.21 -10.47
CA SER A 94 -2.53 11.66 -10.35
C SER A 94 -3.62 12.42 -11.09
N GLY A 95 -3.96 11.95 -12.29
CA GLY A 95 -5.01 12.57 -13.10
C GLY A 95 -6.39 12.42 -12.50
N VAL A 96 -6.66 11.24 -11.93
CA VAL A 96 -7.97 10.92 -11.36
C VAL A 96 -8.18 11.57 -9.98
N THR A 97 -7.10 11.81 -9.24
CA THR A 97 -7.17 12.33 -7.88
C THR A 97 -6.77 13.80 -7.75
N GLY A 98 -5.84 14.23 -8.60
CA GLY A 98 -5.29 15.58 -8.51
C GLY A 98 -4.08 15.67 -7.58
N GLN A 99 -3.69 14.54 -7.01
CA GLN A 99 -2.57 14.47 -6.09
C GLN A 99 -1.31 14.00 -6.81
N THR A 100 -0.15 14.52 -6.40
CA THR A 100 1.13 14.10 -6.97
C THR A 100 1.89 13.19 -6.01
N PHE A 101 2.72 12.32 -6.59
CA PHE A 101 3.49 11.33 -5.82
C PHE A 101 4.91 11.24 -6.37
N ASN A 102 5.88 11.09 -5.48
CA ASN A 102 7.30 11.00 -5.87
C ASN A 102 7.96 9.70 -5.42
N PHE A 103 7.15 8.75 -4.95
CA PHE A 103 7.66 7.54 -4.33
C PHE A 103 6.60 6.46 -4.34
N VAL A 104 7.03 5.20 -4.44
CA VAL A 104 6.11 4.07 -4.36
C VAL A 104 6.75 2.88 -3.64
N LEU A 105 6.02 2.31 -2.70
CA LEU A 105 6.41 1.05 -2.05
C LEU A 105 5.56 -0.07 -2.64
N ILE A 106 6.23 -1.08 -3.19
CA ILE A 106 5.54 -2.18 -3.83
C ILE A 106 5.62 -3.42 -2.93
N ASN A 107 4.46 -3.96 -2.59
CA ASN A 107 4.38 -5.17 -1.79
C ASN A 107 3.80 -6.32 -2.60
N ARG A 108 4.51 -7.44 -2.65
CA ARG A 108 4.04 -8.62 -3.36
C ARG A 108 3.75 -9.78 -2.41
N TYR A 109 2.53 -10.31 -2.50
CA TYR A 109 2.08 -11.41 -1.65
C TYR A 109 1.88 -12.64 -2.52
N LYS A 110 2.76 -13.63 -2.38
CA LYS A 110 2.77 -14.78 -3.28
C LYS A 110 1.48 -15.60 -3.19
N ASP A 111 0.88 -15.61 -2.00
CA ASP A 111 -0.40 -16.25 -1.75
C ASP A 111 -0.98 -15.75 -0.43
N GLY A 112 -2.05 -16.38 0.04
CA GLY A 112 -2.72 -15.99 1.28
C GLY A 112 -1.88 -16.10 2.55
N SER A 113 -0.76 -16.82 2.49
CA SER A 113 0.15 -16.93 3.64
C SER A 113 1.03 -15.69 3.80
N ASP A 114 1.34 -15.05 2.68
CA ASP A 114 2.01 -13.75 2.72
C ASP A 114 1.01 -12.71 3.19
N HIS A 115 1.49 -11.77 3.99
CA HIS A 115 0.63 -10.82 4.66
C HIS A 115 1.44 -9.63 5.12
N ILE A 116 0.77 -8.66 5.73
CA ILE A 116 1.45 -7.55 6.35
C ILE A 116 0.77 -7.20 7.67
N CYS A 117 1.56 -7.13 8.72
CA CYS A 117 1.05 -6.87 10.07
C CYS A 117 0.55 -5.44 10.21
N GLU A 118 -0.34 -5.24 11.18
CA GLU A 118 -0.99 -3.94 11.31
C GLU A 118 -0.04 -2.83 11.71
N HIS A 119 -0.20 -1.68 11.07
CA HIS A 119 0.67 -0.54 11.30
C HIS A 119 0.01 0.75 10.86
N ARG A 120 0.63 1.86 11.23
CA ARG A 120 0.28 3.16 10.71
C ARG A 120 1.41 3.61 9.80
N ASP A 121 1.06 4.27 8.71
CA ASP A 121 2.06 4.92 7.87
C ASP A 121 2.22 6.36 8.34
N ASP A 122 2.93 6.52 9.45
CA ASP A 122 3.05 7.81 10.14
C ASP A 122 4.47 8.38 10.13
N GLU A 123 5.31 7.87 9.23
CA GLU A 123 6.74 8.22 9.23
C GLU A 123 7.00 9.72 9.06
N ARG A 124 8.15 10.17 9.56
CA ARG A 124 8.49 11.59 9.58
C ARG A 124 8.81 12.14 8.19
N GLU A 125 9.35 11.29 7.32
CA GLU A 125 9.67 11.70 5.95
C GLU A 125 8.45 11.84 5.03
N LEU A 126 7.26 11.50 5.54
CA LEU A 126 6.02 11.69 4.81
C LEU A 126 5.54 13.12 4.94
N ALA A 127 5.22 13.74 3.81
CA ALA A 127 4.70 15.11 3.79
C ALA A 127 3.44 15.20 4.64
N PRO A 128 3.33 16.25 5.48
CA PRO A 128 2.18 16.38 6.37
C PRO A 128 0.88 16.57 5.60
N GLY A 129 -0.11 15.73 5.89
CA GLY A 129 -1.43 15.82 5.25
C GLY A 129 -1.55 15.14 3.91
N SER A 130 -0.42 14.66 3.38
CA SER A 130 -0.39 14.01 2.07
C SER A 130 -1.09 12.65 2.11
N PRO A 131 -1.89 12.35 1.07
CA PRO A 131 -2.56 11.05 0.97
C PRO A 131 -1.64 9.94 0.48
N ILE A 132 -2.04 8.69 0.72
CA ILE A 132 -1.37 7.51 0.19
C ILE A 132 -2.31 6.79 -0.77
N ALA A 133 -1.82 6.52 -1.98
CA ALA A 133 -2.62 5.85 -3.01
C ALA A 133 -2.23 4.39 -3.10
N SER A 134 -3.21 3.51 -2.85
CA SER A 134 -2.97 2.07 -2.85
C SER A 134 -3.65 1.38 -4.04
N VAL A 135 -2.84 0.92 -4.98
CA VAL A 135 -3.33 0.28 -6.20
C VAL A 135 -2.99 -1.21 -6.14
N SER A 136 -3.97 -2.05 -6.47
CA SER A 136 -3.82 -3.49 -6.30
C SER A 136 -4.06 -4.27 -7.57
N PHE A 137 -3.17 -5.23 -7.82
CA PHE A 137 -3.30 -6.15 -8.94
C PHE A 137 -3.16 -7.59 -8.51
N GLY A 138 -3.80 -8.49 -9.26
CA GLY A 138 -3.74 -9.91 -8.98
C GLY A 138 -4.91 -10.36 -8.12
N ALA A 139 -4.63 -11.28 -7.20
CA ALA A 139 -5.65 -11.82 -6.32
C ALA A 139 -6.29 -10.74 -5.44
N SER A 140 -7.61 -10.85 -5.26
CA SER A 140 -8.34 -10.02 -4.33
C SER A 140 -7.99 -10.45 -2.90
N ARG A 141 -7.55 -9.49 -2.08
CA ARG A 141 -7.24 -9.77 -0.68
C ARG A 141 -7.99 -8.81 0.24
N ASP A 142 -8.42 -9.34 1.38
CA ASP A 142 -9.09 -8.54 2.41
C ASP A 142 -8.12 -7.59 3.10
N PHE A 143 -8.59 -6.37 3.34
CA PHE A 143 -7.83 -5.29 3.93
C PHE A 143 -8.59 -4.79 5.17
N VAL A 144 -7.90 -4.61 6.29
CA VAL A 144 -8.56 -4.31 7.56
C VAL A 144 -8.11 -2.97 8.16
N PHE A 145 -9.07 -2.12 8.48
CA PHE A 145 -8.82 -0.90 9.25
C PHE A 145 -9.22 -1.14 10.71
N ARG A 146 -8.35 -0.74 11.63
CA ARG A 146 -8.60 -0.96 13.05
C ARG A 146 -8.27 0.31 13.84
N HIS A 147 -9.20 0.71 14.71
CA HIS A 147 -9.01 1.91 15.52
C HIS A 147 -8.09 1.62 16.70
N LYS A 148 -7.15 2.54 16.95
CA LYS A 148 -6.05 2.28 17.89
C LYS A 148 -6.44 2.10 19.35
N ASP A 149 -7.59 2.65 19.74
CA ASP A 149 -8.07 2.55 21.12
C ASP A 149 -9.10 1.43 21.31
N SER A 150 -9.03 0.42 20.45
CA SER A 150 -9.95 -0.73 20.52
C SER A 150 -9.22 -2.04 20.85
N ARG A 151 -7.95 -1.93 21.27
CA ARG A 151 -7.10 -3.09 21.51
C ARG A 151 -6.59 -3.12 22.95
N PRO A 155 -8.48 -2.04 25.50
CA PRO A 155 -9.59 -1.83 24.57
C PRO A 155 -10.75 -1.05 25.21
N SER A 156 -10.50 0.22 25.53
CA SER A 156 -11.51 1.09 26.15
C SER A 156 -12.61 1.48 25.17
N ARG A 157 -12.21 1.94 23.98
CA ARG A 157 -13.14 2.36 22.94
C ARG A 157 -13.33 1.24 21.92
N ARG A 158 -14.34 0.40 22.14
CA ARG A 158 -14.62 -0.76 21.30
C ARG A 158 -15.23 -0.34 19.96
N VAL A 159 -14.50 0.49 19.22
CA VAL A 159 -14.93 0.99 17.92
C VAL A 159 -14.79 -0.13 16.87
N ALA A 160 -15.80 -0.22 16.01
CA ALA A 160 -15.89 -1.29 15.02
C ALA A 160 -14.76 -1.28 14.00
N VAL A 161 -14.20 -2.46 13.76
CA VAL A 161 -13.24 -2.71 12.69
C VAL A 161 -13.91 -2.49 11.33
N VAL A 162 -13.14 -2.09 10.32
CA VAL A 162 -13.64 -1.94 8.95
C VAL A 162 -12.91 -2.89 8.01
N ARG A 163 -13.66 -3.75 7.33
CA ARG A 163 -13.12 -4.73 6.39
C ARG A 163 -13.64 -4.48 4.99
N LEU A 164 -12.74 -4.54 4.00
CA LEU A 164 -13.13 -4.49 2.59
C LEU A 164 -12.15 -5.27 1.72
N PRO A 165 -12.66 -6.00 0.71
CA PRO A 165 -11.78 -6.66 -0.24
C PRO A 165 -11.16 -5.63 -1.18
N LEU A 166 -9.88 -5.77 -1.48
CA LEU A 166 -9.25 -4.93 -2.50
C LEU A 166 -9.11 -5.70 -3.80
N ALA A 167 -9.89 -5.31 -4.80
CA ALA A 167 -9.99 -6.06 -6.05
C ALA A 167 -8.87 -5.76 -7.02
N HIS A 168 -8.69 -6.69 -7.96
CA HIS A 168 -7.83 -6.53 -9.13
C HIS A 168 -8.12 -5.21 -9.85
N GLY A 169 -7.11 -4.34 -9.95
CA GLY A 169 -7.23 -3.06 -10.64
C GLY A 169 -7.85 -1.92 -9.84
N SER A 170 -7.98 -2.12 -8.52
CA SER A 170 -8.65 -1.13 -7.67
C SER A 170 -7.70 -0.07 -7.14
N LEU A 171 -8.26 1.04 -6.69
CA LEU A 171 -7.50 2.09 -6.00
C LEU A 171 -8.13 2.41 -4.66
N LEU A 172 -7.30 2.44 -3.63
CA LEU A 172 -7.72 2.86 -2.30
C LEU A 172 -6.93 4.09 -1.87
N MET A 173 -7.64 5.19 -1.68
CA MET A 173 -7.03 6.44 -1.23
C MET A 173 -7.12 6.51 0.28
N MET A 174 -5.99 6.76 0.94
CA MET A 174 -5.99 6.92 2.38
C MET A 174 -5.58 8.37 2.71
N ASN A 175 -6.60 9.20 2.95
CA ASN A 175 -6.40 10.63 3.21
C ASN A 175 -6.14 10.90 4.70
N HIS A 176 -5.61 12.09 5.00
CA HIS A 176 -5.43 12.56 6.37
C HIS A 176 -6.79 12.69 7.06
N PRO A 177 -6.90 12.27 8.34
CA PRO A 177 -5.87 11.74 9.23
C PRO A 177 -5.92 10.22 9.43
N THR A 178 -6.41 9.50 8.43
CA THR A 178 -6.53 8.02 8.48
C THR A 178 -5.34 7.35 9.17
N ASN A 179 -4.12 7.77 8.83
CA ASN A 179 -2.90 7.16 9.34
C ASN A 179 -2.47 7.63 10.74
N THR A 180 -3.16 8.63 11.28
CA THR A 180 -2.91 9.08 12.65
C THR A 180 -3.68 8.20 13.64
N HIS A 181 -4.92 7.86 13.30
CA HIS A 181 -5.85 7.24 14.24
C HIS A 181 -6.12 5.76 13.98
N TRP A 182 -5.89 5.31 12.75
CA TRP A 182 -6.23 3.94 12.36
C TRP A 182 -5.04 3.13 11.87
N TYR A 183 -4.98 1.88 12.31
CA TYR A 183 -3.98 0.92 11.81
C TYR A 183 -4.58 0.15 10.67
N HIS A 184 -3.74 -0.35 9.78
CA HIS A 184 -4.21 -1.25 8.73
C HIS A 184 -3.33 -2.47 8.54
N SER A 185 -3.90 -3.49 7.91
CA SER A 185 -3.20 -4.75 7.68
C SER A 185 -3.84 -5.57 6.56
N LEU A 186 -3.05 -6.46 5.98
CA LEU A 186 -3.55 -7.47 5.07
C LEU A 186 -3.35 -8.81 5.77
N PRO A 187 -4.40 -9.32 6.45
CA PRO A 187 -4.23 -10.56 7.21
C PRO A 187 -4.10 -11.79 6.33
N VAL A 188 -3.54 -12.85 6.89
CA VAL A 188 -3.45 -14.16 6.25
C VAL A 188 -4.84 -14.63 5.81
N ARG A 189 -4.91 -15.14 4.58
CA ARG A 189 -6.12 -15.71 4.02
C ARG A 189 -5.71 -17.03 3.36
N LYS A 190 -5.59 -18.07 4.17
CA LYS A 190 -5.06 -19.37 3.73
C LYS A 190 -5.67 -19.94 2.43
N LYS A 191 -6.88 -19.50 2.09
CA LYS A 191 -7.59 -20.00 0.91
C LYS A 191 -7.14 -19.35 -0.41
N VAL A 192 -6.49 -18.19 -0.33
CA VAL A 192 -6.02 -17.50 -1.53
C VAL A 192 -4.73 -18.15 -2.01
N LEU A 193 -4.76 -18.64 -3.25
CA LEU A 193 -3.63 -19.38 -3.83
C LEU A 193 -2.82 -18.58 -4.86
N ALA A 194 -3.36 -17.44 -5.29
CA ALA A 194 -2.74 -16.64 -6.35
C ALA A 194 -1.99 -15.42 -5.79
N PRO A 195 -0.95 -14.96 -6.52
CA PRO A 195 -0.20 -13.80 -6.04
C PRO A 195 -0.94 -12.46 -6.19
N ARG A 196 -0.56 -11.50 -5.35
CA ARG A 196 -1.08 -10.15 -5.40
C ARG A 196 0.06 -9.14 -5.36
N VAL A 197 -0.02 -8.10 -6.19
CA VAL A 197 0.95 -7.02 -6.20
C VAL A 197 0.23 -5.73 -5.80
N ASN A 198 0.77 -5.07 -4.78
CA ASN A 198 0.19 -3.81 -4.29
C ASN A 198 1.16 -2.67 -4.41
N LEU A 199 0.65 -1.50 -4.76
CA LEU A 199 1.47 -0.31 -4.91
C LEU A 199 0.92 0.81 -4.03
N THR A 200 1.74 1.29 -3.10
CA THR A 200 1.33 2.45 -2.30
C THR A 200 2.18 3.66 -2.64
N PHE A 201 1.63 4.51 -3.51
CA PHE A 201 2.26 5.76 -3.90
C PHE A 201 2.20 6.75 -2.76
N ARG A 202 3.36 7.33 -2.46
CA ARG A 202 3.50 8.26 -1.35
C ARG A 202 4.23 9.53 -1.78
N LYS A 203 4.15 10.56 -0.94
CA LYS A 203 4.88 11.80 -1.17
C LYS A 203 5.90 11.98 -0.04
N ILE A 204 7.18 11.85 -0.38
CA ILE A 204 8.28 11.90 0.59
C ILE A 204 9.01 13.24 0.57
N LEU A 205 9.38 13.72 1.76
CA LEU A 205 10.14 14.96 1.91
C LEU A 205 11.63 14.74 1.69
N LEU A 206 12.28 15.75 1.10
CA LEU A 206 13.71 15.70 0.79
C LEU A 206 14.55 16.07 2.02
#